data_2PIN
#
_entry.id   2PIN
#
_cell.length_a   55.130
_cell.length_b   92.870
_cell.length_c   58.350
_cell.angle_alpha   90.00
_cell.angle_beta   109.65
_cell.angle_gamma   90.00
#
_symmetry.space_group_name_H-M   'P 1 21 1'
#
loop_
_entity.id
_entity.type
_entity.pdbx_description
1 polymer 'Thyroid hormone receptor beta-1'
2 non-polymer '[4-(4-HYDROXY-3-IODO-PHENOXY)-3,5-DIIODO-PHENYL]-ACETIC ACID'
3 non-polymer 1-(4-HEXYLPHENYL)PROP-2-EN-1-ONE
4 non-polymer 'SULFATE ION'
5 water water
#
_entity_poly.entity_id   1
_entity_poly.type   'polypeptide(L)'
_entity_poly.pdbx_seq_one_letter_code
;GHKPEPTDEEWELIKTVTEAHVATNAQGSHWKQKRKFLPEDIGQAPIVNAPEGGKVDLEAFSHFTKIITPAITRVVDFAK
KLPMFCELPCEDQIILLKGCCMEIMSLRAAVRYDPESETLTLNGEMAVTRGQLKNGGLGVVSDAIFRLGMSLSSFNLDDT
EVALLQAVLLMSSDRPGLACVERIEKYQDSFLLAFEHYINYRKHHVTHFWPKLLMKVTDLRMIGACHASRFLHMKVECPT
ELFPPLFLEVFED
;
_entity_poly.pdbx_strand_id   A,B
#
loop_
_chem_comp.id
_chem_comp.type
_chem_comp.name
_chem_comp.formula
4HY non-polymer '[4-(4-HYDROXY-3-IODO-PHENOXY)-3,5-DIIODO-PHENYL]-ACETIC ACID' 'C14 H9 I3 O4'
LEG non-polymer 1-(4-HEXYLPHENYL)PROP-2-EN-1-ONE 'C15 H20 O'
SO4 non-polymer 'SULFATE ION' 'O4 S -2'
#
# COMPACT_ATOMS: atom_id res chain seq x y z
N HIS A 2 -19.50 12.12 20.26
CA HIS A 2 -18.73 12.03 18.98
C HIS A 2 -17.60 13.04 18.92
N LYS A 3 -16.63 12.76 18.05
CA LYS A 3 -15.48 13.63 17.87
C LYS A 3 -15.93 14.98 17.31
N PRO A 4 -15.22 16.07 17.68
CA PRO A 4 -15.57 17.41 17.20
C PRO A 4 -15.23 17.62 15.73
N GLU A 5 -16.18 18.17 14.98
CA GLU A 5 -15.97 18.41 13.56
C GLU A 5 -15.59 19.88 13.34
N PRO A 6 -15.06 20.21 12.15
CA PRO A 6 -14.66 21.59 11.84
C PRO A 6 -15.78 22.63 11.96
N THR A 7 -15.47 23.74 12.61
CA THR A 7 -16.42 24.82 12.81
C THR A 7 -16.62 25.57 11.49
N ASP A 8 -17.50 26.56 11.49
CA ASP A 8 -17.76 27.33 10.28
C ASP A 8 -16.50 28.07 9.83
N GLU A 9 -15.76 28.61 10.79
CA GLU A 9 -14.54 29.35 10.49
C GLU A 9 -13.46 28.42 9.94
N GLU A 10 -13.40 27.20 10.46
CA GLU A 10 -12.41 26.23 10.01
C GLU A 10 -12.72 25.71 8.61
N TRP A 11 -14.00 25.70 8.25
CA TRP A 11 -14.41 25.23 6.93
C TRP A 11 -13.93 26.19 5.84
N GLU A 12 -13.93 27.47 6.16
CA GLU A 12 -13.47 28.49 5.21
C GLU A 12 -11.96 28.41 5.07
N LEU A 13 -11.29 28.07 6.16
CA LEU A 13 -9.84 27.93 6.15
C LEU A 13 -9.51 26.69 5.33
N ILE A 14 -10.26 25.62 5.58
CA ILE A 14 -10.08 24.37 4.87
C ILE A 14 -10.28 24.60 3.37
N LYS A 15 -11.24 25.45 3.04
CA LYS A 15 -11.54 25.79 1.65
C LYS A 15 -10.36 26.53 1.02
N THR A 16 -9.80 27.48 1.75
CA THR A 16 -8.68 28.28 1.26
C THR A 16 -7.46 27.41 0.94
N VAL A 17 -7.01 26.64 1.92
CA VAL A 17 -5.85 25.77 1.74
C VAL A 17 -6.06 24.71 0.67
N THR A 18 -7.25 24.13 0.63
CA THR A 18 -7.57 23.09 -0.36
C THR A 18 -7.47 23.64 -1.78
N GLU A 19 -8.13 24.77 -2.03
CA GLU A 19 -8.11 25.38 -3.35
C GLU A 19 -6.71 25.83 -3.72
N ALA A 20 -5.94 26.22 -2.71
CA ALA A 20 -4.57 26.68 -2.93
C ALA A 20 -3.71 25.51 -3.41
N HIS A 21 -3.95 24.34 -2.82
CA HIS A 21 -3.22 23.13 -3.18
C HIS A 21 -3.63 22.64 -4.56
N VAL A 22 -4.93 22.63 -4.82
CA VAL A 22 -5.46 22.18 -6.10
C VAL A 22 -4.97 23.05 -7.25
N ALA A 23 -4.90 24.36 -7.03
CA ALA A 23 -4.45 25.30 -8.04
C ALA A 23 -2.96 25.19 -8.30
N THR A 24 -2.23 24.58 -7.37
CA THR A 24 -0.79 24.43 -7.51
C THR A 24 -0.36 22.98 -7.63
N ASN A 25 -1.33 22.09 -7.87
CA ASN A 25 -1.03 20.67 -8.01
C ASN A 25 -1.44 20.19 -9.40
N ALA A 26 -0.70 19.22 -9.93
CA ALA A 26 -0.99 18.67 -11.25
C ALA A 26 -1.94 17.49 -11.16
N GLN A 27 -3.41 17.28 -11.11
CA GLN A 27 -4.55 16.35 -11.01
C GLN A 27 -5.84 16.99 -11.53
N GLY A 28 -6.86 16.97 -10.66
CA GLY A 28 -8.16 17.52 -11.07
C GLY A 28 -8.56 17.02 -12.47
N SER A 29 -7.82 16.01 -12.94
CA SER A 29 -8.12 15.46 -14.26
C SER A 29 -7.46 14.09 -14.45
N HIS A 30 -7.14 13.45 -13.31
CA HIS A 30 -6.50 12.14 -13.37
C HIS A 30 -5.08 12.22 -13.94
N TRP A 31 -4.10 12.01 -13.08
CA TRP A 31 -2.70 12.07 -13.48
C TRP A 31 -2.19 10.78 -14.14
N LYS A 32 -3.01 9.73 -14.12
CA LYS A 32 -2.63 8.46 -14.72
C LYS A 32 -2.93 8.40 -16.22
N GLN A 33 -3.76 9.33 -16.69
CA GLN A 33 -4.14 9.38 -18.10
C GLN A 33 -3.18 10.21 -18.95
N LYS A 34 -2.36 11.02 -18.29
CA LYS A 34 -1.42 11.88 -19.01
C LYS A 34 0.04 11.64 -18.60
N ARG A 35 0.24 10.83 -17.56
CA ARG A 35 1.58 10.54 -17.09
C ARG A 35 2.31 9.60 -18.05
N LYS A 36 3.64 9.72 -18.07
CA LYS A 36 4.47 8.88 -18.92
C LYS A 36 5.58 8.24 -18.10
N PHE A 37 5.94 7.01 -18.43
CA PHE A 37 6.97 6.29 -17.70
C PHE A 37 8.37 6.59 -18.22
N LEU A 38 9.28 6.86 -17.30
CA LEU A 38 10.67 7.14 -17.65
C LEU A 38 11.28 5.86 -18.22
N PRO A 39 11.86 5.93 -19.42
CA PRO A 39 12.47 4.76 -20.06
C PRO A 39 13.21 3.87 -19.07
N GLU A 40 12.95 2.57 -19.14
CA GLU A 40 13.56 1.60 -18.25
C GLU A 40 15.09 1.65 -18.32
N ASP A 41 15.61 1.91 -19.52
CA ASP A 41 17.06 1.98 -19.72
C ASP A 41 17.67 3.12 -18.92
N ILE A 42 16.88 4.15 -18.64
CA ILE A 42 17.35 5.30 -17.87
C ILE A 42 17.32 5.00 -16.38
N GLY A 43 18.40 5.35 -15.69
CA GLY A 43 18.48 5.13 -14.26
C GLY A 43 18.67 3.68 -13.86
N GLN A 44 19.34 2.90 -14.70
CA GLN A 44 19.57 1.49 -14.40
C GLN A 44 20.84 1.30 -13.57
N ALA A 45 20.81 0.33 -12.67
CA ALA A 45 21.94 0.04 -11.81
C ALA A 45 22.46 -1.37 -12.10
N PRO A 46 23.33 -1.51 -13.11
CA PRO A 46 23.91 -2.80 -13.49
C PRO A 46 24.52 -3.54 -12.31
N GLY A 53 28.64 3.44 -1.14
CA GLY A 53 27.59 4.39 -1.44
C GLY A 53 27.01 4.20 -2.83
N GLY A 54 27.41 5.05 -3.76
CA GLY A 54 26.92 4.97 -5.12
C GLY A 54 27.05 6.27 -5.88
N LYS A 55 27.35 6.18 -7.17
CA LYS A 55 27.49 7.36 -8.00
C LYS A 55 26.17 7.77 -8.65
N VAL A 56 25.98 9.08 -8.80
CA VAL A 56 24.76 9.62 -9.40
C VAL A 56 24.69 9.40 -10.90
N ASP A 57 23.54 8.94 -11.37
CA ASP A 57 23.33 8.69 -12.80
C ASP A 57 23.03 10.03 -13.46
N LEU A 58 24.03 10.61 -14.11
CA LEU A 58 23.89 11.90 -14.77
C LEU A 58 22.65 12.02 -15.66
N GLU A 59 22.44 11.03 -16.53
CA GLU A 59 21.29 11.05 -17.41
C GLU A 59 19.98 11.08 -16.63
N ALA A 60 19.84 10.17 -15.68
CA ALA A 60 18.63 10.11 -14.86
C ALA A 60 18.46 11.42 -14.11
N PHE A 61 19.57 11.93 -13.57
CA PHE A 61 19.57 13.18 -12.83
C PHE A 61 19.00 14.31 -13.70
N SER A 62 19.56 14.44 -14.90
CA SER A 62 19.14 15.47 -15.84
C SER A 62 17.62 15.47 -16.06
N HIS A 63 17.03 14.28 -16.15
CA HIS A 63 15.60 14.17 -16.35
C HIS A 63 14.79 14.71 -15.18
N PHE A 64 15.32 14.54 -13.97
CA PHE A 64 14.64 15.01 -12.77
C PHE A 64 14.69 16.53 -12.63
N THR A 65 15.89 17.09 -12.68
CA THR A 65 16.06 18.54 -12.56
C THR A 65 15.43 19.29 -13.74
N LYS A 66 15.13 18.56 -14.81
CA LYS A 66 14.52 19.16 -15.98
C LYS A 66 13.09 19.59 -15.68
N ILE A 67 12.50 18.98 -14.65
CA ILE A 67 11.14 19.29 -14.24
C ILE A 67 11.10 19.65 -12.76
N ILE A 68 12.27 19.92 -12.19
CA ILE A 68 12.38 20.26 -10.77
C ILE A 68 11.87 21.68 -10.48
N THR A 69 12.18 22.62 -11.36
CA THR A 69 11.76 24.01 -11.19
C THR A 69 10.25 24.15 -11.02
N PRO A 70 9.47 23.59 -11.96
CA PRO A 70 8.01 23.69 -11.87
C PRO A 70 7.47 23.25 -10.51
N ALA A 71 8.00 22.13 -10.01
CA ALA A 71 7.58 21.60 -8.72
C ALA A 71 7.91 22.57 -7.59
N ILE A 72 9.10 23.17 -7.67
CA ILE A 72 9.55 24.12 -6.66
C ILE A 72 8.68 25.38 -6.66
N THR A 73 8.46 25.95 -7.84
CA THR A 73 7.66 27.15 -7.98
C THR A 73 6.23 26.98 -7.50
N ARG A 74 5.73 25.75 -7.56
CA ARG A 74 4.36 25.45 -7.13
C ARG A 74 4.23 25.49 -5.62
N VAL A 75 5.25 25.03 -4.91
CA VAL A 75 5.22 25.04 -3.45
C VAL A 75 5.19 26.50 -2.99
N VAL A 76 6.00 27.32 -3.65
CA VAL A 76 6.06 28.75 -3.34
C VAL A 76 4.70 29.39 -3.62
N ASP A 77 4.09 29.00 -4.72
CA ASP A 77 2.79 29.53 -5.11
C ASP A 77 1.72 29.09 -4.10
N PHE A 78 1.86 27.87 -3.60
CA PHE A 78 0.94 27.32 -2.63
C PHE A 78 0.93 28.17 -1.36
N ALA A 79 2.12 28.44 -0.83
CA ALA A 79 2.27 29.23 0.38
C ALA A 79 1.76 30.66 0.20
N LYS A 80 1.96 31.23 -0.98
CA LYS A 80 1.52 32.59 -1.25
C LYS A 80 0.01 32.73 -1.41
N LYS A 81 -0.67 31.58 -1.55
CA LYS A 81 -2.13 31.60 -1.69
C LYS A 81 -2.76 31.52 -0.31
N LEU A 82 -1.91 31.43 0.71
CA LEU A 82 -2.38 31.35 2.09
C LEU A 82 -2.18 32.68 2.79
N PRO A 83 -3.28 33.38 3.11
CA PRO A 83 -3.25 34.68 3.77
C PRO A 83 -2.33 34.74 4.98
N MET A 84 -2.35 33.69 5.81
CA MET A 84 -1.51 33.63 6.99
C MET A 84 -0.03 33.72 6.65
N PHE A 85 0.35 33.14 5.51
CA PHE A 85 1.74 33.15 5.08
C PHE A 85 2.15 34.53 4.60
N CYS A 86 1.25 35.20 3.89
CA CYS A 86 1.52 36.53 3.35
C CYS A 86 1.68 37.59 4.45
N GLU A 87 1.24 37.27 5.65
CA GLU A 87 1.34 38.22 6.77
C GLU A 87 2.68 38.10 7.49
N LEU A 88 3.54 37.22 6.98
CA LEU A 88 4.86 37.01 7.58
C LEU A 88 5.95 37.78 6.84
N PRO A 89 7.02 38.16 7.56
CA PRO A 89 8.14 38.90 7.00
C PRO A 89 8.81 38.14 5.86
N CYS A 90 9.40 38.87 4.92
CA CYS A 90 10.07 38.26 3.77
C CYS A 90 11.10 37.23 4.22
N GLU A 91 11.91 37.60 5.21
CA GLU A 91 12.94 36.71 5.72
C GLU A 91 12.35 35.41 6.29
N ASP A 92 11.20 35.51 6.94
CA ASP A 92 10.56 34.33 7.51
C ASP A 92 10.00 33.42 6.42
N GLN A 93 9.41 34.04 5.40
CA GLN A 93 8.84 33.29 4.28
C GLN A 93 9.94 32.48 3.59
N ILE A 94 11.07 33.12 3.34
CA ILE A 94 12.20 32.47 2.69
C ILE A 94 12.66 31.28 3.52
N ILE A 95 12.74 31.49 4.84
CA ILE A 95 13.17 30.44 5.76
C ILE A 95 12.21 29.25 5.75
N LEU A 96 10.91 29.53 5.82
CA LEU A 96 9.91 28.48 5.83
C LEU A 96 9.90 27.68 4.52
N LEU A 97 9.90 28.41 3.40
CA LEU A 97 9.90 27.76 2.10
C LEU A 97 11.09 26.84 1.89
N LYS A 98 12.29 27.34 2.19
CA LYS A 98 13.51 26.54 2.04
C LYS A 98 13.51 25.34 2.96
N GLY A 99 12.66 25.36 3.98
CA GLY A 99 12.60 24.26 4.92
C GLY A 99 11.50 23.25 4.69
N CYS A 100 10.50 23.61 3.89
CA CYS A 100 9.39 22.71 3.62
C CYS A 100 9.30 22.32 2.15
N CYS A 101 10.04 23.03 1.30
CA CYS A 101 10.03 22.76 -0.13
C CYS A 101 10.12 21.27 -0.44
N MET A 102 11.22 20.64 -0.03
CA MET A 102 11.40 19.22 -0.27
C MET A 102 10.37 18.39 0.49
N GLU A 103 9.94 18.90 1.64
CA GLU A 103 8.95 18.21 2.44
C GLU A 103 7.63 18.09 1.70
N ILE A 104 7.12 19.22 1.23
CA ILE A 104 5.86 19.26 0.48
C ILE A 104 6.00 18.49 -0.83
N MET A 105 7.14 18.65 -1.50
CA MET A 105 7.40 17.97 -2.76
C MET A 105 7.38 16.46 -2.58
N SER A 106 8.08 15.98 -1.56
CA SER A 106 8.14 14.56 -1.28
C SER A 106 6.74 14.03 -0.99
N LEU A 107 5.97 14.80 -0.21
CA LEU A 107 4.61 14.44 0.15
C LEU A 107 3.76 14.27 -1.10
N ARG A 108 3.82 15.27 -1.98
CA ARG A 108 3.05 15.24 -3.23
C ARG A 108 3.40 14.04 -4.11
N ALA A 109 4.68 13.66 -4.11
CA ALA A 109 5.13 12.54 -4.91
C ALA A 109 4.71 11.22 -4.26
N ALA A 110 4.74 11.19 -2.94
CA ALA A 110 4.37 10.00 -2.18
C ALA A 110 2.89 9.65 -2.37
N VAL A 111 2.03 10.66 -2.32
CA VAL A 111 0.60 10.45 -2.48
C VAL A 111 0.25 9.94 -3.87
N ARG A 112 1.18 10.07 -4.80
CA ARG A 112 0.94 9.60 -6.17
C ARG A 112 1.56 8.22 -6.40
N TYR A 113 1.81 7.50 -5.31
CA TYR A 113 2.39 6.17 -5.40
C TYR A 113 1.41 5.23 -6.08
N ASP A 114 1.93 4.36 -6.95
CA ASP A 114 1.09 3.41 -7.66
C ASP A 114 1.57 1.97 -7.42
N PRO A 115 0.82 1.21 -6.61
CA PRO A 115 1.14 -0.18 -6.26
C PRO A 115 1.29 -1.11 -7.46
N GLU A 116 0.41 -0.96 -8.45
CA GLU A 116 0.45 -1.80 -9.64
C GLU A 116 1.76 -1.66 -10.42
N SER A 117 2.16 -0.42 -10.66
CA SER A 117 3.40 -0.16 -11.41
C SER A 117 4.60 0.01 -10.48
N GLU A 118 4.33 0.15 -9.18
CA GLU A 118 5.39 0.33 -8.20
C GLU A 118 6.30 1.50 -8.56
N THR A 119 5.70 2.67 -8.76
CA THR A 119 6.45 3.87 -9.11
C THR A 119 5.82 5.12 -8.53
N LEU A 120 6.49 6.25 -8.71
CA LEU A 120 6.00 7.54 -8.23
C LEU A 120 5.92 8.51 -9.39
N THR A 121 4.73 9.04 -9.65
CA THR A 121 4.53 9.97 -10.74
C THR A 121 4.88 11.40 -10.32
N LEU A 122 6.11 11.81 -10.62
CA LEU A 122 6.60 13.14 -10.28
C LEU A 122 5.87 14.20 -11.11
N ASN A 123 5.44 15.27 -10.45
CA ASN A 123 4.72 16.35 -11.11
C ASN A 123 3.46 15.83 -11.80
N GLY A 124 3.14 14.57 -11.57
CA GLY A 124 1.96 13.97 -12.17
C GLY A 124 2.08 13.72 -13.66
N GLU A 125 3.32 13.61 -14.15
CA GLU A 125 3.54 13.34 -15.56
C GLU A 125 4.69 12.38 -15.84
N MET A 126 5.59 12.24 -14.87
CA MET A 126 6.73 11.35 -15.03
C MET A 126 6.80 10.29 -13.94
N ALA A 127 6.50 9.04 -14.32
CA ALA A 127 6.53 7.93 -13.37
C ALA A 127 7.94 7.35 -13.33
N VAL A 128 8.44 7.10 -12.12
CA VAL A 128 9.78 6.54 -11.96
C VAL A 128 9.81 5.44 -10.90
N THR A 129 10.71 4.49 -11.07
CA THR A 129 10.84 3.38 -10.12
C THR A 129 11.74 3.78 -8.96
N ARG A 130 11.80 2.91 -7.96
CA ARG A 130 12.61 3.14 -6.78
C ARG A 130 14.09 3.23 -7.16
N GLY A 131 14.47 2.46 -8.18
CA GLY A 131 15.85 2.46 -8.63
C GLY A 131 16.20 3.70 -9.43
N GLN A 132 15.29 4.11 -10.31
CA GLN A 132 15.51 5.30 -11.14
C GLN A 132 15.70 6.53 -10.26
N LEU A 133 14.87 6.66 -9.24
CA LEU A 133 14.94 7.80 -8.34
C LEU A 133 16.16 7.70 -7.43
N LYS A 134 16.57 6.48 -7.10
CA LYS A 134 17.73 6.27 -6.24
C LYS A 134 19.00 6.64 -6.99
N ASN A 135 19.27 5.95 -8.09
CA ASN A 135 20.46 6.23 -8.88
C ASN A 135 20.33 7.62 -9.48
N GLY A 136 19.09 8.11 -9.54
CA GLY A 136 18.83 9.43 -10.10
C GLY A 136 19.51 10.52 -9.30
N GLY A 137 19.89 10.22 -8.06
CA GLY A 137 20.56 11.20 -7.23
C GLY A 137 20.06 11.29 -5.80
N LEU A 138 18.89 10.73 -5.54
CA LEU A 138 18.32 10.76 -4.18
C LEU A 138 18.88 9.69 -3.26
N GLY A 139 19.55 8.71 -3.82
CA GLY A 139 20.11 7.64 -3.01
C GLY A 139 19.08 6.95 -2.14
N VAL A 140 19.39 6.78 -0.86
CA VAL A 140 18.46 6.13 0.06
C VAL A 140 17.21 6.95 0.29
N VAL A 141 17.30 8.26 0.09
CA VAL A 141 16.16 9.13 0.27
C VAL A 141 15.00 8.61 -0.57
N SER A 142 15.32 7.99 -1.69
CA SER A 142 14.31 7.42 -2.58
C SER A 142 13.54 6.32 -1.86
N ASP A 143 14.24 5.51 -1.08
CA ASP A 143 13.60 4.44 -0.34
C ASP A 143 12.68 5.01 0.73
N ALA A 144 13.10 6.10 1.34
CA ALA A 144 12.32 6.76 2.38
C ALA A 144 11.01 7.31 1.80
N ILE A 145 11.09 7.90 0.62
CA ILE A 145 9.92 8.46 -0.03
C ILE A 145 8.97 7.36 -0.52
N PHE A 146 9.53 6.27 -1.05
CA PHE A 146 8.71 5.17 -1.52
C PHE A 146 8.02 4.48 -0.35
N ARG A 147 8.75 4.37 0.77
CA ARG A 147 8.22 3.75 1.96
C ARG A 147 7.01 4.57 2.45
N LEU A 148 7.19 5.89 2.45
CA LEU A 148 6.13 6.81 2.87
C LEU A 148 4.91 6.64 1.97
N GLY A 149 5.16 6.54 0.67
CA GLY A 149 4.08 6.38 -0.28
C GLY A 149 3.32 5.08 -0.08
N MET A 150 4.02 4.04 0.34
CA MET A 150 3.40 2.74 0.57
C MET A 150 2.53 2.73 1.83
N SER A 151 2.96 3.48 2.85
CA SER A 151 2.23 3.54 4.10
C SER A 151 1.04 4.51 4.04
N LEU A 152 1.02 5.37 3.03
CA LEU A 152 -0.06 6.34 2.89
C LEU A 152 -1.25 5.82 2.10
N SER A 153 -1.11 4.64 1.51
CA SER A 153 -2.19 4.05 0.71
C SER A 153 -3.45 3.84 1.54
N SER A 154 -3.30 3.22 2.71
CA SER A 154 -4.43 2.94 3.59
C SER A 154 -5.09 4.20 4.13
N PHE A 155 -4.37 5.33 4.10
CA PHE A 155 -4.91 6.58 4.60
C PHE A 155 -5.90 7.24 3.64
N ASN A 156 -5.78 6.95 2.34
CA ASN A 156 -6.67 7.51 1.34
C ASN A 156 -6.92 9.00 1.61
N LEU A 157 -5.85 9.78 1.52
CA LEU A 157 -5.93 11.23 1.77
C LEU A 157 -6.50 11.97 0.57
N ASP A 158 -7.41 12.91 0.83
CA ASP A 158 -8.00 13.72 -0.23
C ASP A 158 -7.19 15.01 -0.35
N ASP A 159 -7.51 15.83 -1.34
CA ASP A 159 -6.79 17.07 -1.55
C ASP A 159 -6.73 17.92 -0.28
N THR A 160 -7.82 17.93 0.48
CA THR A 160 -7.90 18.71 1.70
C THR A 160 -6.88 18.28 2.75
N GLU A 161 -6.76 16.98 2.96
CA GLU A 161 -5.83 16.44 3.94
C GLU A 161 -4.38 16.62 3.53
N VAL A 162 -4.09 16.55 2.23
CA VAL A 162 -2.73 16.76 1.75
C VAL A 162 -2.42 18.24 1.89
N ALA A 163 -3.41 19.07 1.52
CA ALA A 163 -3.26 20.51 1.60
C ALA A 163 -2.96 20.91 3.05
N LEU A 164 -3.80 20.45 3.97
CA LEU A 164 -3.62 20.74 5.38
C LEU A 164 -2.26 20.24 5.84
N LEU A 165 -1.88 19.06 5.34
CA LEU A 165 -0.59 18.45 5.69
C LEU A 165 0.54 19.39 5.26
N GLN A 166 0.41 19.94 4.05
CA GLN A 166 1.42 20.86 3.53
C GLN A 166 1.43 22.13 4.35
N ALA A 167 0.26 22.56 4.81
CA ALA A 167 0.14 23.77 5.61
C ALA A 167 0.92 23.59 6.92
N VAL A 168 0.74 22.43 7.55
CA VAL A 168 1.42 22.14 8.81
C VAL A 168 2.94 22.14 8.59
N LEU A 169 3.40 21.46 7.55
CA LEU A 169 4.82 21.39 7.24
C LEU A 169 5.37 22.80 7.02
N LEU A 170 4.60 23.61 6.31
CA LEU A 170 4.99 24.98 6.00
C LEU A 170 5.21 25.81 7.26
N MET A 171 4.18 25.87 8.11
CA MET A 171 4.24 26.64 9.35
C MET A 171 5.04 25.99 10.47
N SER A 172 6.29 25.65 10.17
CA SER A 172 7.17 25.05 11.17
C SER A 172 7.95 26.18 11.83
N SER A 173 7.54 26.56 13.04
CA SER A 173 8.17 27.65 13.77
C SER A 173 9.55 27.31 14.34
N ASP A 174 10.01 26.08 14.13
CA ASP A 174 11.31 25.68 14.65
C ASP A 174 12.43 25.79 13.62
N ARG A 175 12.16 26.48 12.51
CA ARG A 175 13.17 26.67 11.46
C ARG A 175 14.20 27.69 11.95
N PRO A 176 15.49 27.36 11.83
CA PRO A 176 16.56 28.27 12.26
C PRO A 176 16.50 29.64 11.58
N GLY A 177 16.59 30.70 12.38
CA GLY A 177 16.56 32.04 11.83
C GLY A 177 15.22 32.74 11.91
N LEU A 178 14.15 31.99 12.08
CA LEU A 178 12.81 32.55 12.18
C LEU A 178 12.72 33.67 13.21
N ALA A 179 11.82 34.63 12.95
CA ALA A 179 11.61 35.75 13.86
C ALA A 179 10.24 35.65 14.51
N CYS A 180 9.20 35.54 13.69
CA CYS A 180 7.84 35.41 14.19
C CYS A 180 7.55 33.96 14.56
N VAL A 181 8.34 33.42 15.48
CA VAL A 181 8.19 32.04 15.92
C VAL A 181 6.83 31.75 16.54
N GLU A 182 6.31 32.69 17.31
CA GLU A 182 5.00 32.52 17.95
C GLU A 182 3.84 32.74 17.00
N ARG A 183 4.00 33.68 16.06
CA ARG A 183 2.94 33.95 15.09
C ARG A 183 2.79 32.73 14.19
N ILE A 184 3.92 32.11 13.86
CA ILE A 184 3.95 30.93 13.01
C ILE A 184 3.32 29.75 13.74
N GLU A 185 3.73 29.56 14.99
CA GLU A 185 3.21 28.47 15.82
C GLU A 185 1.68 28.56 15.86
N LYS A 186 1.18 29.78 16.04
CA LYS A 186 -0.26 30.01 16.09
C LYS A 186 -0.91 29.54 14.80
N TYR A 187 -0.27 29.85 13.67
CA TYR A 187 -0.79 29.46 12.37
C TYR A 187 -0.85 27.95 12.20
N GLN A 188 0.20 27.26 12.60
CA GLN A 188 0.26 25.81 12.48
C GLN A 188 -0.85 25.14 13.28
N ASP A 189 -1.08 25.62 14.50
CA ASP A 189 -2.11 25.05 15.36
C ASP A 189 -3.50 25.21 14.76
N SER A 190 -3.75 26.35 14.12
CA SER A 190 -5.05 26.59 13.50
C SER A 190 -5.29 25.57 12.39
N PHE A 191 -4.21 25.14 11.75
CA PHE A 191 -4.30 24.15 10.68
C PHE A 191 -4.48 22.76 11.27
N LEU A 192 -3.72 22.46 12.32
CA LEU A 192 -3.82 21.16 12.97
C LEU A 192 -5.22 20.96 13.53
N LEU A 193 -5.77 22.01 14.13
CA LEU A 193 -7.11 21.97 14.70
C LEU A 193 -8.13 21.68 13.62
N ALA A 194 -8.08 22.45 12.54
CA ALA A 194 -9.01 22.28 11.43
C ALA A 194 -8.80 20.90 10.80
N PHE A 195 -7.55 20.47 10.77
CA PHE A 195 -7.20 19.17 10.20
C PHE A 195 -7.75 18.08 11.11
N GLU A 196 -7.55 18.27 12.41
CA GLU A 196 -8.01 17.31 13.41
C GLU A 196 -9.52 17.14 13.31
N HIS A 197 -10.24 18.27 13.20
CA HIS A 197 -11.69 18.25 13.09
C HIS A 197 -12.14 17.65 11.76
N TYR A 198 -11.42 17.98 10.69
CA TYR A 198 -11.75 17.46 9.36
C TYR A 198 -11.60 15.95 9.36
N ILE A 199 -10.60 15.46 10.06
CA ILE A 199 -10.34 14.03 10.14
C ILE A 199 -11.52 13.28 10.75
N ASN A 200 -12.15 13.88 11.77
CA ASN A 200 -13.29 13.26 12.42
C ASN A 200 -14.50 13.30 11.48
N TYR A 201 -14.51 14.26 10.58
CA TYR A 201 -15.59 14.41 9.61
C TYR A 201 -15.53 13.25 8.61
N ARG A 202 -14.36 13.07 8.01
CA ARG A 202 -14.13 12.02 7.03
C ARG A 202 -14.36 10.63 7.62
N LYS A 203 -13.76 10.38 8.78
CA LYS A 203 -13.88 9.09 9.45
C LYS A 203 -13.26 7.97 8.62
N HIS A 204 -11.94 7.80 8.73
CA HIS A 204 -11.22 6.77 8.01
C HIS A 204 -11.29 5.45 8.78
N HIS A 205 -11.23 4.33 8.07
CA HIS A 205 -11.28 3.03 8.71
C HIS A 205 -9.90 2.51 9.07
N VAL A 206 -9.03 3.40 9.53
CA VAL A 206 -7.68 3.02 9.92
C VAL A 206 -7.48 3.30 11.40
N THR A 207 -7.35 2.23 12.19
CA THR A 207 -7.16 2.35 13.62
C THR A 207 -5.98 3.27 13.93
N HIS A 208 -6.19 4.20 14.86
CA HIS A 208 -5.15 5.16 15.24
C HIS A 208 -4.70 5.98 14.04
N PHE A 209 -5.66 6.33 13.19
CA PHE A 209 -5.40 7.12 11.99
C PHE A 209 -4.61 8.38 12.32
N TRP A 210 -5.21 9.24 13.14
CA TRP A 210 -4.60 10.50 13.54
C TRP A 210 -3.14 10.37 13.98
N PRO A 211 -2.88 9.53 15.00
CA PRO A 211 -1.51 9.35 15.51
C PRO A 211 -0.52 8.96 14.40
N LYS A 212 -0.90 7.96 13.62
CA LYS A 212 -0.06 7.46 12.55
C LYS A 212 0.21 8.52 11.47
N LEU A 213 -0.79 9.34 11.16
CA LEU A 213 -0.62 10.37 10.15
C LEU A 213 0.37 11.43 10.64
N LEU A 214 0.17 11.88 11.88
CA LEU A 214 1.05 12.88 12.48
C LEU A 214 2.49 12.38 12.43
N MET A 215 2.65 11.07 12.54
CA MET A 215 3.98 10.46 12.52
C MET A 215 4.58 10.60 11.13
N LYS A 216 3.74 10.62 10.10
CA LYS A 216 4.22 10.76 8.74
C LYS A 216 4.89 12.11 8.59
N VAL A 217 4.40 13.08 9.35
CA VAL A 217 4.95 14.43 9.32
C VAL A 217 6.40 14.38 9.78
N THR A 218 6.69 13.49 10.74
CA THR A 218 8.04 13.35 11.25
C THR A 218 8.94 12.69 10.21
N ASP A 219 8.34 11.78 9.41
CA ASP A 219 9.11 11.09 8.38
C ASP A 219 9.46 12.08 7.27
N LEU A 220 8.54 12.98 6.96
CA LEU A 220 8.76 13.99 5.94
C LEU A 220 9.85 14.93 6.40
N ARG A 221 9.97 15.08 7.72
CA ARG A 221 10.99 15.95 8.32
C ARG A 221 12.36 15.35 8.04
N MET A 222 12.48 14.05 8.29
CA MET A 222 13.72 13.33 8.07
C MET A 222 14.09 13.33 6.59
N ILE A 223 13.08 13.09 5.75
CA ILE A 223 13.28 13.07 4.29
C ILE A 223 13.85 14.41 3.82
N GLY A 224 13.32 15.50 4.39
CA GLY A 224 13.78 16.81 4.02
C GLY A 224 15.22 17.05 4.43
N ALA A 225 15.60 16.51 5.58
CA ALA A 225 16.96 16.66 6.10
C ALA A 225 17.94 15.80 5.30
N CYS A 226 17.59 14.55 5.09
CA CYS A 226 18.44 13.62 4.34
C CYS A 226 18.67 14.11 2.91
N HIS A 227 17.74 14.90 2.40
CA HIS A 227 17.86 15.43 1.05
C HIS A 227 18.85 16.58 1.01
N ALA A 228 18.96 17.30 2.13
CA ALA A 228 19.88 18.42 2.22
C ALA A 228 21.31 17.90 2.12
N SER A 229 21.60 16.84 2.87
CA SER A 229 22.92 16.23 2.86
C SER A 229 23.14 15.52 1.53
N ARG A 230 22.06 15.05 0.94
CA ARG A 230 22.12 14.35 -0.33
C ARG A 230 22.40 15.35 -1.45
N PHE A 231 21.96 16.59 -1.24
CA PHE A 231 22.15 17.65 -2.21
C PHE A 231 23.62 18.01 -2.32
N LEU A 232 24.34 17.90 -1.20
CA LEU A 232 25.77 18.23 -1.18
C LEU A 232 26.57 17.27 -2.04
N HIS A 233 26.12 16.02 -2.13
CA HIS A 233 26.80 15.01 -2.94
C HIS A 233 26.57 15.34 -4.42
N MET A 234 25.41 15.92 -4.71
CA MET A 234 25.05 16.28 -6.08
C MET A 234 25.90 17.42 -6.61
N LYS A 235 26.23 18.37 -5.76
CA LYS A 235 27.04 19.51 -6.16
C LYS A 235 28.50 19.13 -6.34
N VAL A 236 28.81 17.86 -6.10
CA VAL A 236 30.18 17.36 -6.23
C VAL A 236 30.29 16.37 -7.39
N GLU A 237 29.24 15.60 -7.61
CA GLU A 237 29.22 14.60 -8.68
C GLU A 237 28.53 15.10 -9.95
N CYS A 238 27.52 15.94 -9.80
CA CYS A 238 26.78 16.45 -10.94
C CYS A 238 27.30 17.82 -11.40
N PRO A 239 27.48 17.99 -12.72
CA PRO A 239 27.97 19.25 -13.30
C PRO A 239 26.99 20.40 -13.11
N THR A 240 27.52 21.60 -12.96
CA THR A 240 26.71 22.80 -12.75
C THR A 240 25.60 23.01 -13.77
N GLU A 241 25.83 22.61 -15.01
CA GLU A 241 24.82 22.78 -16.06
C GLU A 241 23.48 22.15 -15.70
N LEU A 242 23.52 20.95 -15.12
CA LEU A 242 22.31 20.23 -14.76
C LEU A 242 21.58 20.81 -13.55
N PHE A 243 22.09 21.91 -13.00
CA PHE A 243 21.46 22.54 -11.84
C PHE A 243 20.67 23.79 -12.19
N PRO A 244 19.33 23.67 -12.27
CA PRO A 244 18.50 24.84 -12.59
C PRO A 244 18.72 25.92 -11.53
N PRO A 245 18.69 27.20 -11.93
CA PRO A 245 18.90 28.30 -11.00
C PRO A 245 18.04 28.24 -9.73
N LEU A 246 16.73 28.11 -9.90
CA LEU A 246 15.83 28.05 -8.76
C LEU A 246 16.06 26.80 -7.91
N PHE A 247 16.61 25.76 -8.52
CA PHE A 247 16.88 24.51 -7.81
C PHE A 247 18.07 24.69 -6.86
N LEU A 248 19.06 25.46 -7.29
CA LEU A 248 20.25 25.72 -6.49
C LEU A 248 19.93 26.58 -5.28
N GLU A 249 19.22 27.68 -5.51
CA GLU A 249 18.87 28.62 -4.45
C GLU A 249 18.02 27.99 -3.36
N VAL A 250 16.98 27.26 -3.75
CA VAL A 250 16.09 26.61 -2.79
C VAL A 250 16.84 25.81 -1.74
N PHE A 251 17.78 24.98 -2.19
CA PHE A 251 18.56 24.16 -1.27
C PHE A 251 19.97 24.70 -1.11
N GLU A 252 20.07 25.99 -0.79
CA GLU A 252 21.38 26.63 -0.62
C GLU A 252 22.19 25.88 0.42
N LYS B 3 -27.48 4.27 -1.61
CA LYS B 3 -26.87 2.91 -1.70
C LYS B 3 -27.58 1.93 -0.77
N PRO B 4 -28.07 0.81 -1.32
CA PRO B 4 -28.76 -0.21 -0.53
C PRO B 4 -27.85 -0.91 0.48
N GLU B 5 -28.28 -0.95 1.72
CA GLU B 5 -27.49 -1.58 2.78
C GLU B 5 -28.02 -2.99 3.09
N PRO B 6 -27.18 -3.83 3.74
CA PRO B 6 -27.56 -5.20 4.08
C PRO B 6 -28.88 -5.34 4.85
N THR B 7 -29.65 -6.36 4.47
CA THR B 7 -30.93 -6.62 5.11
C THR B 7 -30.71 -7.45 6.38
N ASP B 8 -31.76 -7.58 7.18
CA ASP B 8 -31.68 -8.35 8.42
C ASP B 8 -31.12 -9.75 8.15
N GLU B 9 -31.66 -10.41 7.14
CA GLU B 9 -31.21 -11.76 6.78
C GLU B 9 -29.73 -11.79 6.41
N GLU B 10 -29.30 -10.80 5.64
CA GLU B 10 -27.91 -10.72 5.21
C GLU B 10 -27.00 -10.43 6.41
N TRP B 11 -27.50 -9.65 7.36
CA TRP B 11 -26.72 -9.34 8.56
C TRP B 11 -26.53 -10.66 9.32
N GLU B 12 -27.53 -11.52 9.22
CA GLU B 12 -27.49 -12.82 9.86
C GLU B 12 -26.40 -13.64 9.18
N LEU B 13 -26.43 -13.64 7.85
CA LEU B 13 -25.46 -14.35 7.04
C LEU B 13 -24.06 -13.78 7.26
N ILE B 14 -24.00 -12.45 7.36
CA ILE B 14 -22.73 -11.77 7.58
C ILE B 14 -22.12 -12.17 8.92
N LYS B 15 -22.97 -12.34 9.92
CA LYS B 15 -22.52 -12.74 11.25
C LYS B 15 -21.99 -14.17 11.24
N THR B 16 -22.54 -15.00 10.35
CA THR B 16 -22.12 -16.39 10.25
C THR B 16 -20.72 -16.49 9.65
N VAL B 17 -20.52 -15.83 8.52
CA VAL B 17 -19.23 -15.85 7.84
C VAL B 17 -18.12 -15.19 8.66
N THR B 18 -18.40 -14.00 9.17
CA THR B 18 -17.42 -13.27 9.96
C THR B 18 -16.93 -14.12 11.13
N GLU B 19 -17.87 -14.71 11.86
CA GLU B 19 -17.53 -15.56 12.99
C GLU B 19 -16.74 -16.79 12.54
N ALA B 20 -17.13 -17.34 11.40
CA ALA B 20 -16.47 -18.52 10.85
C ALA B 20 -15.03 -18.17 10.50
N HIS B 21 -14.84 -17.01 9.88
CA HIS B 21 -13.51 -16.55 9.49
C HIS B 21 -12.65 -16.24 10.71
N VAL B 22 -13.20 -15.47 11.64
CA VAL B 22 -12.48 -15.10 12.85
C VAL B 22 -12.13 -16.32 13.70
N ALA B 23 -12.98 -17.33 13.65
CA ALA B 23 -12.76 -18.55 14.41
C ALA B 23 -11.71 -19.44 13.77
N THR B 24 -11.36 -19.14 12.52
CA THR B 24 -10.37 -19.92 11.80
C THR B 24 -9.18 -19.07 11.35
N ASN B 25 -9.19 -17.79 11.71
CA ASN B 25 -8.10 -16.90 11.34
C ASN B 25 -7.09 -16.83 12.48
N ALA B 26 -5.93 -17.45 12.28
CA ALA B 26 -4.88 -17.49 13.28
C ALA B 26 -4.47 -16.11 13.78
N GLN B 27 -4.01 -16.08 15.03
CA GLN B 27 -3.55 -14.86 15.68
C GLN B 27 -4.52 -13.69 15.53
N GLY B 28 -5.79 -13.94 15.83
CA GLY B 28 -6.78 -12.88 15.75
C GLY B 28 -6.49 -11.85 16.82
N SER B 29 -5.51 -12.17 17.67
CA SER B 29 -5.10 -11.29 18.76
C SER B 29 -3.77 -10.61 18.49
N HIS B 30 -3.79 -9.60 17.61
CA HIS B 30 -2.60 -8.84 17.26
C HIS B 30 -1.46 -9.73 16.74
N TRP B 31 -1.35 -9.82 15.42
CA TRP B 31 -0.32 -10.63 14.78
C TRP B 31 0.96 -9.83 14.58
N LYS B 32 0.80 -8.54 14.31
CA LYS B 32 1.93 -7.65 14.07
C LYS B 32 2.68 -7.32 15.36
N GLN B 33 2.40 -8.07 16.41
CA GLN B 33 3.05 -7.86 17.70
C GLN B 33 3.69 -9.15 18.21
N LYS B 34 3.10 -10.28 17.82
CA LYS B 34 3.60 -11.59 18.24
C LYS B 34 4.26 -12.35 17.10
N ARG B 35 4.32 -11.73 15.93
CA ARG B 35 4.92 -12.37 14.76
C ARG B 35 6.43 -12.53 14.92
N LYS B 36 7.01 -13.38 14.08
CA LYS B 36 8.44 -13.65 14.10
C LYS B 36 8.99 -13.56 12.68
N PHE B 37 10.02 -12.74 12.48
CA PHE B 37 10.62 -12.60 11.16
C PHE B 37 11.54 -13.75 10.82
N LEU B 38 11.32 -14.33 9.64
CA LEU B 38 12.14 -15.44 9.17
C LEU B 38 13.58 -14.96 8.95
N PRO B 39 14.56 -15.67 9.50
CA PRO B 39 15.97 -15.30 9.36
C PRO B 39 16.34 -14.85 7.95
N GLU B 40 17.04 -13.73 7.87
CA GLU B 40 17.46 -13.17 6.59
C GLU B 40 18.27 -14.14 5.75
N ASP B 41 19.22 -14.82 6.38
CA ASP B 41 20.07 -15.78 5.70
C ASP B 41 19.28 -16.85 4.96
N ILE B 42 18.03 -17.05 5.37
CA ILE B 42 17.17 -18.05 4.75
C ILE B 42 16.35 -17.43 3.62
N GLY B 43 16.44 -18.02 2.43
CA GLY B 43 15.70 -17.51 1.30
C GLY B 43 16.42 -16.40 0.57
N GLN B 44 17.74 -16.33 0.74
CA GLN B 44 18.54 -15.30 0.07
C GLN B 44 18.74 -15.62 -1.40
N ALA B 45 18.62 -14.60 -2.24
CA ALA B 45 18.79 -14.77 -3.68
C ALA B 45 20.14 -15.43 -3.98
N PRO B 46 20.15 -16.38 -4.92
CA PRO B 46 21.39 -17.09 -5.28
C PRO B 46 22.41 -16.18 -5.95
N ILE B 47 23.65 -16.25 -5.46
CA ILE B 47 24.73 -15.43 -5.99
C ILE B 47 25.14 -15.93 -7.37
N VAL B 48 24.82 -17.19 -7.66
CA VAL B 48 25.16 -17.80 -8.93
C VAL B 48 23.99 -17.81 -9.90
N ASN B 49 22.83 -18.27 -9.42
CA ASN B 49 21.63 -18.33 -10.25
C ASN B 49 21.85 -19.29 -11.42
N ALA B 50 21.37 -20.52 -11.27
CA ALA B 50 21.51 -21.54 -12.30
C ALA B 50 20.89 -21.10 -13.63
N PRO B 51 21.44 -21.59 -14.75
CA PRO B 51 20.95 -21.25 -16.09
C PRO B 51 19.58 -21.86 -16.34
N GLU B 52 19.17 -22.74 -15.44
CA GLU B 52 17.89 -23.42 -15.53
C GLU B 52 16.73 -22.42 -15.49
N GLY B 53 16.76 -21.55 -14.48
CA GLY B 53 15.73 -20.55 -14.34
C GLY B 53 15.36 -20.32 -12.88
N GLY B 54 16.32 -20.54 -12.00
CA GLY B 54 16.07 -20.36 -10.58
C GLY B 54 15.41 -21.56 -9.95
N LYS B 55 16.13 -22.26 -9.09
CA LYS B 55 15.59 -23.43 -8.42
C LYS B 55 15.00 -23.08 -7.06
N VAL B 56 14.23 -24.02 -6.49
CA VAL B 56 13.60 -23.81 -5.19
C VAL B 56 14.56 -24.01 -4.03
N ASP B 57 14.61 -23.04 -3.13
CA ASP B 57 15.48 -23.11 -1.95
C ASP B 57 14.89 -24.13 -0.99
N LEU B 58 15.42 -25.35 -1.03
CA LEU B 58 14.94 -26.43 -0.18
C LEU B 58 14.85 -26.05 1.30
N GLU B 59 15.76 -25.22 1.77
CA GLU B 59 15.76 -24.80 3.17
C GLU B 59 14.53 -23.97 3.48
N ALA B 60 14.34 -22.88 2.74
CA ALA B 60 13.19 -22.00 2.92
C ALA B 60 11.90 -22.80 2.75
N PHE B 61 11.87 -23.62 1.71
CA PHE B 61 10.70 -24.44 1.41
C PHE B 61 10.29 -25.23 2.66
N SER B 62 11.29 -25.79 3.34
CA SER B 62 11.06 -26.57 4.54
C SER B 62 10.37 -25.73 5.62
N HIS B 63 10.82 -24.48 5.75
CA HIS B 63 10.25 -23.56 6.73
C HIS B 63 8.80 -23.21 6.42
N PHE B 64 8.46 -23.18 5.13
CA PHE B 64 7.11 -22.85 4.70
C PHE B 64 6.14 -24.02 4.89
N THR B 65 6.56 -25.21 4.49
CA THR B 65 5.72 -26.39 4.61
C THR B 65 5.54 -26.87 6.05
N LYS B 66 6.38 -26.39 6.95
CA LYS B 66 6.29 -26.79 8.35
C LYS B 66 5.09 -26.15 9.04
N ILE B 67 4.50 -25.15 8.39
CA ILE B 67 3.33 -24.46 8.95
C ILE B 67 2.24 -24.33 7.90
N ILE B 68 2.30 -25.18 6.87
CA ILE B 68 1.32 -25.15 5.80
C ILE B 68 0.07 -25.94 6.15
N THR B 69 0.25 -27.08 6.82
CA THR B 69 -0.87 -27.92 7.21
C THR B 69 -1.93 -27.15 7.99
N PRO B 70 -1.52 -26.44 9.06
CA PRO B 70 -2.48 -25.67 9.86
C PRO B 70 -3.28 -24.69 9.01
N ALA B 71 -2.61 -24.08 8.03
CA ALA B 71 -3.25 -23.12 7.14
C ALA B 71 -4.29 -23.80 6.26
N ILE B 72 -3.98 -25.01 5.82
CA ILE B 72 -4.89 -25.78 4.98
C ILE B 72 -6.12 -26.23 5.75
N THR B 73 -5.90 -26.82 6.92
CA THR B 73 -6.99 -27.30 7.76
C THR B 73 -7.92 -26.15 8.13
N ARG B 74 -7.34 -24.99 8.40
CA ARG B 74 -8.12 -23.82 8.77
C ARG B 74 -9.12 -23.43 7.68
N VAL B 75 -8.69 -23.56 6.43
CA VAL B 75 -9.55 -23.24 5.30
C VAL B 75 -10.74 -24.19 5.25
N VAL B 76 -10.49 -25.45 5.63
CA VAL B 76 -11.54 -26.46 5.62
C VAL B 76 -12.55 -26.21 6.75
N ASP B 77 -12.04 -25.78 7.91
CA ASP B 77 -12.90 -25.50 9.05
C ASP B 77 -13.80 -24.31 8.74
N PHE B 78 -13.25 -23.31 8.06
CA PHE B 78 -14.01 -22.11 7.70
C PHE B 78 -15.23 -22.49 6.87
N ALA B 79 -15.00 -23.32 5.85
CA ALA B 79 -16.06 -23.77 4.96
C ALA B 79 -17.11 -24.62 5.68
N LYS B 80 -16.65 -25.46 6.60
CA LYS B 80 -17.55 -26.33 7.35
C LYS B 80 -18.42 -25.57 8.36
N LYS B 81 -18.06 -24.32 8.63
CA LYS B 81 -18.82 -23.50 9.57
C LYS B 81 -19.92 -22.75 8.83
N LEU B 82 -19.99 -22.96 7.53
CA LEU B 82 -21.00 -22.31 6.70
C LEU B 82 -22.08 -23.32 6.35
N PRO B 83 -23.31 -23.12 6.85
CA PRO B 83 -24.44 -24.01 6.60
C PRO B 83 -24.59 -24.38 5.11
N MET B 84 -24.54 -23.36 4.25
CA MET B 84 -24.67 -23.56 2.82
C MET B 84 -23.68 -24.59 2.28
N PHE B 85 -22.43 -24.49 2.69
CA PHE B 85 -21.40 -25.42 2.25
C PHE B 85 -21.72 -26.84 2.69
N CYS B 86 -22.11 -26.99 3.96
CA CYS B 86 -22.43 -28.29 4.52
C CYS B 86 -23.60 -28.95 3.80
N GLU B 87 -24.35 -28.17 3.03
CA GLU B 87 -25.49 -28.68 2.28
C GLU B 87 -25.05 -29.35 0.98
N LEU B 88 -23.86 -28.98 0.51
CA LEU B 88 -23.32 -29.53 -0.74
C LEU B 88 -22.81 -30.96 -0.56
N PRO B 89 -22.86 -31.76 -1.64
CA PRO B 89 -22.41 -33.15 -1.62
C PRO B 89 -20.92 -33.25 -1.29
N CYS B 90 -20.50 -34.41 -0.78
CA CYS B 90 -19.11 -34.63 -0.42
C CYS B 90 -18.20 -34.37 -1.63
N GLU B 91 -18.61 -34.88 -2.78
CA GLU B 91 -17.85 -34.72 -4.02
C GLU B 91 -17.63 -33.24 -4.34
N ASP B 92 -18.69 -32.44 -4.24
CA ASP B 92 -18.61 -31.02 -4.52
C ASP B 92 -17.75 -30.28 -3.50
N GLN B 93 -17.92 -30.63 -2.22
CA GLN B 93 -17.15 -29.98 -1.16
C GLN B 93 -15.65 -30.10 -1.37
N ILE B 94 -15.20 -31.29 -1.78
CA ILE B 94 -13.78 -31.52 -2.02
C ILE B 94 -13.28 -30.66 -3.17
N ILE B 95 -14.02 -30.65 -4.27
CA ILE B 95 -13.66 -29.87 -5.45
C ILE B 95 -13.58 -28.38 -5.14
N LEU B 96 -14.53 -27.88 -4.34
CA LEU B 96 -14.56 -26.48 -3.98
C LEU B 96 -13.40 -26.11 -3.06
N LEU B 97 -13.06 -27.00 -2.14
CA LEU B 97 -11.97 -26.76 -1.20
C LEU B 97 -10.62 -26.77 -1.91
N LYS B 98 -10.41 -27.77 -2.76
CA LYS B 98 -9.15 -27.88 -3.50
C LYS B 98 -8.96 -26.73 -4.48
N GLY B 99 -10.07 -26.11 -4.88
CA GLY B 99 -9.99 -25.01 -5.82
C GLY B 99 -9.91 -23.62 -5.24
N CYS B 100 -10.25 -23.48 -3.95
CA CYS B 100 -10.19 -22.16 -3.31
C CYS B 100 -9.17 -22.13 -2.19
N CYS B 101 -8.64 -23.29 -1.83
CA CYS B 101 -7.66 -23.40 -0.75
C CYS B 101 -6.57 -22.34 -0.86
N MET B 102 -5.77 -22.41 -1.93
CA MET B 102 -4.69 -21.46 -2.14
C MET B 102 -5.16 -20.02 -2.32
N GLU B 103 -6.32 -19.84 -2.95
CA GLU B 103 -6.86 -18.50 -3.16
C GLU B 103 -7.12 -17.81 -1.83
N ILE B 104 -7.82 -18.51 -0.95
CA ILE B 104 -8.15 -17.98 0.38
C ILE B 104 -6.90 -17.76 1.23
N MET B 105 -5.95 -18.68 1.14
CA MET B 105 -4.72 -18.55 1.91
C MET B 105 -3.90 -17.35 1.43
N SER B 106 -3.78 -17.21 0.12
CA SER B 106 -3.04 -16.10 -0.45
C SER B 106 -3.66 -14.80 0.04
N LEU B 107 -4.98 -14.77 0.08
CA LEU B 107 -5.72 -13.60 0.53
C LEU B 107 -5.38 -13.31 1.99
N ARG B 108 -5.51 -14.33 2.84
CA ARG B 108 -5.22 -14.20 4.25
C ARG B 108 -3.82 -13.65 4.50
N ALA B 109 -2.87 -14.03 3.65
CA ALA B 109 -1.51 -13.56 3.77
C ALA B 109 -1.41 -12.14 3.24
N ALA B 110 -2.02 -11.90 2.09
CA ALA B 110 -2.01 -10.59 1.47
C ALA B 110 -2.50 -9.50 2.42
N VAL B 111 -3.61 -9.78 3.09
CA VAL B 111 -4.19 -8.82 4.02
C VAL B 111 -3.26 -8.54 5.22
N ARG B 112 -2.28 -9.41 5.44
CA ARG B 112 -1.34 -9.22 6.53
C ARG B 112 -0.04 -8.61 6.02
N TYR B 113 -0.15 -7.77 5.00
CA TYR B 113 1.01 -7.10 4.43
C TYR B 113 1.40 -5.87 5.22
N ASP B 114 2.67 -5.80 5.61
CA ASP B 114 3.17 -4.66 6.38
C ASP B 114 4.17 -3.86 5.55
N PRO B 115 3.75 -2.69 5.06
CA PRO B 115 4.58 -1.79 4.24
C PRO B 115 5.87 -1.38 4.93
N GLU B 116 5.81 -1.23 6.25
CA GLU B 116 6.96 -0.82 7.05
C GLU B 116 8.12 -1.81 6.93
N SER B 117 7.83 -3.10 7.05
CA SER B 117 8.85 -4.12 6.95
C SER B 117 8.84 -4.76 5.57
N GLU B 118 7.81 -4.43 4.79
CA GLU B 118 7.65 -4.96 3.44
C GLU B 118 7.67 -6.49 3.43
N THR B 119 6.88 -7.09 4.31
CA THR B 119 6.81 -8.54 4.40
C THR B 119 5.37 -9.02 4.58
N LEU B 120 5.19 -10.33 4.58
CA LEU B 120 3.88 -10.92 4.77
C LEU B 120 3.93 -11.87 5.96
N THR B 121 2.97 -11.75 6.86
CA THR B 121 2.93 -12.59 8.05
C THR B 121 2.07 -13.83 7.80
N LEU B 122 2.71 -14.93 7.45
CA LEU B 122 2.02 -16.18 7.18
C LEU B 122 1.49 -16.77 8.48
N ASN B 123 0.20 -17.12 8.50
CA ASN B 123 -0.43 -17.69 9.68
C ASN B 123 -0.35 -16.71 10.84
N GLY B 124 -0.04 -15.46 10.53
CA GLY B 124 0.06 -14.44 11.55
C GLY B 124 1.13 -14.76 12.59
N GLU B 125 2.24 -15.33 12.13
CA GLU B 125 3.32 -15.69 13.04
C GLU B 125 4.70 -15.69 12.37
N MET B 126 4.71 -15.77 11.05
CA MET B 126 5.97 -15.79 10.30
C MET B 126 6.01 -14.70 9.23
N ALA B 127 6.88 -13.72 9.43
CA ALA B 127 7.01 -12.62 8.47
C ALA B 127 8.09 -12.95 7.43
N VAL B 128 7.70 -12.97 6.17
CA VAL B 128 8.63 -13.28 5.09
C VAL B 128 8.72 -12.15 4.07
N THR B 129 9.88 -12.04 3.42
CA THR B 129 10.09 -11.00 2.41
C THR B 129 9.66 -11.52 1.05
N ARG B 130 9.49 -10.62 0.09
CA ARG B 130 9.07 -11.02 -1.26
C ARG B 130 10.07 -12.01 -1.85
N GLY B 131 11.34 -11.85 -1.49
CA GLY B 131 12.37 -12.72 -2.00
C GLY B 131 12.39 -14.09 -1.34
N GLN B 132 12.11 -14.12 -0.04
CA GLN B 132 12.10 -15.37 0.70
C GLN B 132 10.97 -16.29 0.24
N LEU B 133 9.79 -15.72 0.05
CA LEU B 133 8.64 -16.50 -0.38
C LEU B 133 8.84 -17.01 -1.81
N LYS B 134 9.53 -16.22 -2.63
CA LYS B 134 9.80 -16.61 -4.00
C LYS B 134 10.76 -17.79 -4.04
N ASN B 135 11.93 -17.61 -3.44
CA ASN B 135 12.92 -18.68 -3.40
C ASN B 135 12.41 -19.85 -2.58
N GLY B 136 11.38 -19.59 -1.79
CA GLY B 136 10.79 -20.63 -0.97
C GLY B 136 10.05 -21.67 -1.79
N GLY B 137 9.69 -21.31 -3.02
CA GLY B 137 8.99 -22.25 -3.88
C GLY B 137 7.86 -21.64 -4.68
N LEU B 138 7.42 -20.44 -4.32
CA LEU B 138 6.33 -19.78 -5.03
C LEU B 138 6.80 -19.05 -6.29
N GLY B 139 8.08 -18.72 -6.35
CA GLY B 139 8.61 -18.03 -7.50
C GLY B 139 7.85 -16.75 -7.82
N VAL B 140 7.48 -16.58 -9.08
CA VAL B 140 6.75 -15.40 -9.51
C VAL B 140 5.46 -15.22 -8.73
N VAL B 141 4.91 -16.32 -8.21
CA VAL B 141 3.68 -16.27 -7.44
C VAL B 141 3.84 -15.31 -6.26
N SER B 142 5.04 -15.29 -5.69
CA SER B 142 5.33 -14.42 -4.55
C SER B 142 5.08 -12.97 -4.95
N ASP B 143 5.52 -12.60 -6.14
CA ASP B 143 5.34 -11.24 -6.64
C ASP B 143 3.85 -10.92 -6.76
N ALA B 144 3.08 -11.88 -7.24
CA ALA B 144 1.65 -11.70 -7.41
C ALA B 144 0.96 -11.43 -6.08
N ILE B 145 1.25 -12.27 -5.08
CA ILE B 145 0.65 -12.12 -3.77
C ILE B 145 1.07 -10.81 -3.10
N PHE B 146 2.34 -10.44 -3.22
CA PHE B 146 2.82 -9.20 -2.63
C PHE B 146 2.15 -7.99 -3.25
N ARG B 147 1.97 -8.01 -4.57
CA ARG B 147 1.33 -6.90 -5.26
C ARG B 147 -0.10 -6.77 -4.76
N LEU B 148 -0.79 -7.91 -4.66
CA LEU B 148 -2.16 -7.94 -4.18
C LEU B 148 -2.24 -7.25 -2.83
N GLY B 149 -1.36 -7.65 -1.91
CA GLY B 149 -1.35 -7.06 -0.59
C GLY B 149 -1.11 -5.57 -0.62
N MET B 150 -0.26 -5.12 -1.54
CA MET B 150 0.05 -3.70 -1.66
C MET B 150 -1.15 -2.90 -2.16
N SER B 151 -1.89 -3.50 -3.09
CA SER B 151 -3.06 -2.84 -3.68
C SER B 151 -4.28 -2.90 -2.76
N LEU B 152 -4.27 -3.83 -1.81
CA LEU B 152 -5.39 -3.98 -0.88
C LEU B 152 -5.30 -3.07 0.34
N SER B 153 -4.16 -2.40 0.51
CA SER B 153 -3.98 -1.50 1.64
C SER B 153 -5.03 -0.39 1.67
N SER B 154 -5.21 0.30 0.55
CA SER B 154 -6.18 1.37 0.45
C SER B 154 -7.61 0.89 0.66
N PHE B 155 -7.82 -0.41 0.52
CA PHE B 155 -9.16 -0.97 0.68
C PHE B 155 -9.54 -1.16 2.15
N ASN B 156 -8.53 -1.24 3.03
CA ASN B 156 -8.77 -1.42 4.45
C ASN B 156 -9.92 -2.39 4.70
N LEU B 157 -9.71 -3.65 4.36
CA LEU B 157 -10.73 -4.68 4.54
C LEU B 157 -10.79 -5.18 5.98
N ASP B 158 -12.00 -5.26 6.52
CA ASP B 158 -12.19 -5.74 7.88
C ASP B 158 -12.45 -7.24 7.81
N ASP B 159 -12.64 -7.87 8.96
CA ASP B 159 -12.87 -9.31 9.01
C ASP B 159 -14.10 -9.75 8.21
N THR B 160 -15.16 -8.94 8.25
CA THR B 160 -16.38 -9.27 7.53
C THR B 160 -16.18 -9.28 6.01
N GLU B 161 -15.38 -8.32 5.52
CA GLU B 161 -15.12 -8.22 4.09
C GLU B 161 -14.16 -9.30 3.60
N VAL B 162 -13.23 -9.71 4.46
CA VAL B 162 -12.27 -10.75 4.09
C VAL B 162 -13.02 -12.08 4.15
N ALA B 163 -13.91 -12.21 5.14
CA ALA B 163 -14.70 -13.42 5.31
C ALA B 163 -15.60 -13.60 4.08
N LEU B 164 -16.37 -12.57 3.78
CA LEU B 164 -17.27 -12.59 2.63
C LEU B 164 -16.48 -12.86 1.35
N LEU B 165 -15.30 -12.27 1.27
CA LEU B 165 -14.44 -12.45 0.11
C LEU B 165 -14.10 -13.93 -0.03
N GLN B 166 -13.76 -14.55 1.11
CA GLN B 166 -13.43 -15.97 1.13
C GLN B 166 -14.65 -16.81 0.75
N ALA B 167 -15.82 -16.34 1.16
CA ALA B 167 -17.07 -17.04 0.86
C ALA B 167 -17.31 -17.05 -0.64
N VAL B 168 -17.02 -15.93 -1.30
CA VAL B 168 -17.20 -15.82 -2.74
C VAL B 168 -16.21 -16.72 -3.48
N LEU B 169 -14.99 -16.81 -2.94
CA LEU B 169 -13.96 -17.65 -3.54
C LEU B 169 -14.29 -19.12 -3.37
N LEU B 170 -14.89 -19.44 -2.22
CA LEU B 170 -15.27 -20.82 -1.91
C LEU B 170 -16.38 -21.33 -2.83
N MET B 171 -17.42 -20.52 -3.00
CA MET B 171 -18.55 -20.91 -3.84
C MET B 171 -18.36 -20.63 -5.33
N SER B 172 -17.37 -21.28 -5.92
CA SER B 172 -17.09 -21.10 -7.35
C SER B 172 -17.78 -22.24 -8.10
N SER B 173 -18.89 -21.93 -8.76
CA SER B 173 -19.65 -22.92 -9.50
C SER B 173 -19.04 -23.26 -10.86
N ASP B 174 -17.87 -22.71 -11.15
CA ASP B 174 -17.22 -22.97 -12.42
C ASP B 174 -16.08 -23.98 -12.29
N ARG B 175 -15.94 -24.56 -11.09
CA ARG B 175 -14.90 -25.55 -10.85
C ARG B 175 -15.24 -26.81 -11.64
N PRO B 176 -14.24 -27.47 -12.24
CA PRO B 176 -14.47 -28.69 -13.01
C PRO B 176 -14.98 -29.85 -12.16
N GLY B 177 -15.97 -30.58 -12.68
CA GLY B 177 -16.50 -31.71 -11.95
C GLY B 177 -17.63 -31.44 -10.97
N LEU B 178 -17.97 -30.17 -10.76
CA LEU B 178 -19.04 -29.82 -9.83
C LEU B 178 -20.39 -30.37 -10.30
N ALA B 179 -21.20 -30.82 -9.34
CA ALA B 179 -22.52 -31.35 -9.63
C ALA B 179 -23.60 -30.31 -9.39
N CYS B 180 -23.57 -29.71 -8.20
CA CYS B 180 -24.54 -28.69 -7.83
C CYS B 180 -24.10 -27.32 -8.36
N VAL B 181 -23.84 -27.24 -9.65
CA VAL B 181 -23.41 -26.00 -10.29
C VAL B 181 -24.37 -24.85 -10.01
N GLU B 182 -25.66 -25.09 -10.21
CA GLU B 182 -26.68 -24.06 -10.00
C GLU B 182 -26.80 -23.64 -8.53
N ARG B 183 -26.94 -24.62 -7.64
CA ARG B 183 -27.07 -24.34 -6.21
C ARG B 183 -25.90 -23.50 -5.69
N ILE B 184 -24.69 -23.96 -5.97
CA ILE B 184 -23.48 -23.26 -5.53
C ILE B 184 -23.48 -21.81 -6.00
N GLU B 185 -23.97 -21.58 -7.21
CA GLU B 185 -23.99 -20.22 -7.75
C GLU B 185 -25.01 -19.36 -7.02
N LYS B 186 -26.08 -19.99 -6.53
CA LYS B 186 -27.10 -19.25 -5.79
C LYS B 186 -26.48 -18.78 -4.48
N TYR B 187 -25.64 -19.65 -3.90
CA TYR B 187 -24.97 -19.32 -2.65
C TYR B 187 -24.01 -18.15 -2.84
N GLN B 188 -23.24 -18.19 -3.93
CA GLN B 188 -22.28 -17.13 -4.22
C GLN B 188 -22.99 -15.80 -4.41
N ASP B 189 -24.08 -15.80 -5.18
CA ASP B 189 -24.83 -14.57 -5.42
C ASP B 189 -25.34 -14.00 -4.11
N SER B 190 -25.66 -14.87 -3.16
CA SER B 190 -26.15 -14.44 -1.86
C SER B 190 -25.01 -13.76 -1.09
N PHE B 191 -23.82 -14.32 -1.19
CA PHE B 191 -22.65 -13.76 -0.51
C PHE B 191 -22.24 -12.44 -1.18
N LEU B 192 -22.27 -12.42 -2.51
CA LEU B 192 -21.92 -11.23 -3.27
C LEU B 192 -22.87 -10.09 -2.95
N LEU B 193 -24.15 -10.39 -2.90
CA LEU B 193 -25.17 -9.38 -2.62
C LEU B 193 -24.97 -8.81 -1.22
N ALA B 194 -24.77 -9.69 -0.24
CA ALA B 194 -24.56 -9.26 1.13
C ALA B 194 -23.25 -8.49 1.24
N PHE B 195 -22.25 -8.92 0.48
CA PHE B 195 -20.94 -8.29 0.48
C PHE B 195 -21.09 -6.83 0.00
N GLU B 196 -21.62 -6.67 -1.20
CA GLU B 196 -21.84 -5.36 -1.79
C GLU B 196 -22.61 -4.44 -0.86
N HIS B 197 -23.70 -4.96 -0.30
CA HIS B 197 -24.53 -4.19 0.62
C HIS B 197 -23.74 -3.77 1.85
N TYR B 198 -22.93 -4.68 2.38
CA TYR B 198 -22.12 -4.38 3.55
C TYR B 198 -21.13 -3.26 3.23
N ILE B 199 -20.61 -3.28 2.00
CA ILE B 199 -19.65 -2.28 1.54
C ILE B 199 -20.28 -0.89 1.53
N ASN B 200 -21.54 -0.81 1.12
CA ASN B 200 -22.24 0.48 1.08
C ASN B 200 -22.40 0.98 2.51
N TYR B 201 -22.56 0.05 3.44
CA TYR B 201 -22.71 0.37 4.86
C TYR B 201 -21.40 0.89 5.42
N ARG B 202 -20.30 0.23 5.05
CA ARG B 202 -18.97 0.62 5.53
C ARG B 202 -18.56 2.00 5.04
N LYS B 203 -18.92 2.34 3.81
CA LYS B 203 -18.58 3.63 3.24
C LYS B 203 -17.06 3.82 3.15
N HIS B 204 -16.46 3.22 2.14
CA HIS B 204 -15.02 3.31 1.92
C HIS B 204 -14.69 4.56 1.11
N HIS B 205 -13.54 5.17 1.39
CA HIS B 205 -13.11 6.36 0.67
C HIS B 205 -12.22 5.99 -0.51
N VAL B 206 -12.84 5.40 -1.52
CA VAL B 206 -12.14 4.98 -2.73
C VAL B 206 -13.14 4.81 -3.88
N THR B 207 -12.91 5.54 -4.96
CA THR B 207 -13.78 5.49 -6.13
C THR B 207 -13.87 4.10 -6.73
N HIS B 208 -15.09 3.70 -7.11
CA HIS B 208 -15.33 2.40 -7.72
C HIS B 208 -14.75 1.27 -6.88
N PHE B 209 -15.02 1.31 -5.57
CA PHE B 209 -14.54 0.30 -4.65
C PHE B 209 -14.97 -1.11 -5.09
N TRP B 210 -16.27 -1.29 -5.22
CA TRP B 210 -16.85 -2.58 -5.62
C TRP B 210 -16.17 -3.18 -6.85
N PRO B 211 -16.17 -2.47 -7.98
CA PRO B 211 -15.55 -2.99 -9.21
C PRO B 211 -14.08 -3.38 -9.01
N LYS B 212 -13.34 -2.53 -8.31
CA LYS B 212 -11.92 -2.78 -8.05
C LYS B 212 -11.70 -4.01 -7.19
N LEU B 213 -12.60 -4.24 -6.23
CA LEU B 213 -12.47 -5.39 -5.35
C LEU B 213 -12.73 -6.69 -6.10
N LEU B 214 -13.71 -6.66 -6.99
CA LEU B 214 -14.05 -7.85 -7.79
C LEU B 214 -12.86 -8.27 -8.64
N MET B 215 -12.11 -7.29 -9.14
CA MET B 215 -10.94 -7.59 -9.96
C MET B 215 -9.90 -8.32 -9.12
N LYS B 216 -9.92 -8.06 -7.82
CA LYS B 216 -8.98 -8.72 -6.91
C LYS B 216 -9.34 -10.20 -6.85
N VAL B 217 -10.63 -10.50 -6.92
CA VAL B 217 -11.09 -11.88 -6.90
C VAL B 217 -10.48 -12.55 -8.12
N THR B 218 -10.32 -11.77 -9.19
CA THR B 218 -9.74 -12.25 -10.42
C THR B 218 -8.24 -12.49 -10.24
N ASP B 219 -7.59 -11.64 -9.45
CA ASP B 219 -6.17 -11.78 -9.21
C ASP B 219 -5.91 -13.03 -8.38
N LEU B 220 -6.81 -13.30 -7.43
CA LEU B 220 -6.68 -14.48 -6.58
C LEU B 220 -6.84 -15.74 -7.42
N ARG B 221 -7.74 -15.68 -8.40
CA ARG B 221 -7.98 -16.80 -9.30
C ARG B 221 -6.70 -17.12 -10.07
N MET B 222 -5.99 -16.07 -10.47
CA MET B 222 -4.76 -16.21 -11.21
C MET B 222 -3.69 -16.83 -10.31
N ILE B 223 -3.57 -16.29 -9.10
CA ILE B 223 -2.60 -16.78 -8.14
C ILE B 223 -2.85 -18.25 -7.84
N GLY B 224 -4.12 -18.62 -7.66
CA GLY B 224 -4.48 -19.99 -7.38
C GLY B 224 -4.05 -20.91 -8.51
N ALA B 225 -4.25 -20.46 -9.75
CA ALA B 225 -3.87 -21.25 -10.92
C ALA B 225 -2.36 -21.37 -11.01
N CYS B 226 -1.67 -20.26 -10.86
CA CYS B 226 -0.20 -20.24 -10.93
C CYS B 226 0.36 -21.14 -9.83
N HIS B 227 -0.38 -21.26 -8.74
CA HIS B 227 0.02 -22.09 -7.61
C HIS B 227 0.10 -23.54 -8.05
N ALA B 228 -0.93 -24.00 -8.75
CA ALA B 228 -0.97 -25.37 -9.24
C ALA B 228 0.22 -25.67 -10.14
N SER B 229 0.49 -24.77 -11.08
CA SER B 229 1.61 -24.93 -12.01
C SER B 229 2.93 -24.88 -11.24
N ARG B 230 3.00 -23.99 -10.25
CA ARG B 230 4.20 -23.84 -9.44
C ARG B 230 4.43 -25.11 -8.62
N PHE B 231 3.32 -25.78 -8.27
CA PHE B 231 3.39 -27.01 -7.49
C PHE B 231 4.05 -28.12 -8.29
N LEU B 232 3.86 -28.09 -9.60
CA LEU B 232 4.44 -29.10 -10.48
C LEU B 232 5.97 -29.10 -10.41
N HIS B 233 6.55 -27.91 -10.32
CA HIS B 233 8.00 -27.78 -10.23
C HIS B 233 8.49 -28.22 -8.87
N MET B 234 7.61 -28.11 -7.87
CA MET B 234 7.95 -28.51 -6.50
C MET B 234 8.10 -30.03 -6.39
N LYS B 235 7.23 -30.76 -7.06
CA LYS B 235 7.26 -32.21 -7.04
C LYS B 235 8.48 -32.73 -7.78
N VAL B 236 9.09 -31.86 -8.58
CA VAL B 236 10.27 -32.22 -9.37
C VAL B 236 11.57 -31.90 -8.63
N GLU B 237 11.62 -30.72 -8.02
CA GLU B 237 12.81 -30.28 -7.30
C GLU B 237 12.81 -30.64 -5.82
N CYS B 238 11.64 -30.61 -5.20
CA CYS B 238 11.54 -30.91 -3.77
C CYS B 238 11.30 -32.39 -3.48
N PRO B 239 12.06 -32.96 -2.53
CA PRO B 239 11.94 -34.37 -2.15
C PRO B 239 10.62 -34.63 -1.42
N THR B 240 10.18 -35.88 -1.46
CA THR B 240 8.92 -36.26 -0.81
C THR B 240 8.87 -35.96 0.68
N GLU B 241 9.97 -36.23 1.38
CA GLU B 241 10.04 -36.00 2.82
C GLU B 241 9.67 -34.59 3.27
N LEU B 242 9.71 -33.64 2.34
CA LEU B 242 9.37 -32.25 2.68
C LEU B 242 7.90 -31.91 2.41
N PHE B 243 7.14 -32.88 1.92
CA PHE B 243 5.73 -32.66 1.63
C PHE B 243 4.79 -33.14 2.74
N PRO B 244 4.09 -32.20 3.39
CA PRO B 244 3.15 -32.55 4.47
C PRO B 244 2.02 -33.42 3.93
N PRO B 245 1.19 -33.99 4.84
CA PRO B 245 0.08 -34.85 4.42
C PRO B 245 -1.00 -34.16 3.58
N LEU B 246 -1.57 -33.08 4.10
CA LEU B 246 -2.62 -32.36 3.39
C LEU B 246 -2.14 -31.52 2.21
N PHE B 247 -0.91 -31.01 2.30
CA PHE B 247 -0.36 -30.18 1.24
C PHE B 247 -0.40 -30.83 -0.14
N LEU B 248 0.02 -32.09 -0.22
CA LEU B 248 0.05 -32.80 -1.49
C LEU B 248 -1.34 -33.18 -2.01
N GLU B 249 -2.26 -33.49 -1.10
CA GLU B 249 -3.61 -33.86 -1.51
C GLU B 249 -4.39 -32.68 -2.04
N VAL B 250 -4.04 -31.48 -1.60
CA VAL B 250 -4.71 -30.26 -2.05
C VAL B 250 -4.57 -30.06 -3.55
N PHE B 251 -3.55 -30.65 -4.15
CA PHE B 251 -3.33 -30.52 -5.59
C PHE B 251 -3.52 -31.83 -6.34
N GLU B 252 -3.40 -32.95 -5.64
CA GLU B 252 -3.56 -34.27 -6.26
C GLU B 252 -5.03 -34.67 -6.29
C1 4HY C . 8.30 16.16 -7.06
C2 4HY C . 13.36 14.95 -6.88
C3 4HY C . 9.18 16.55 -8.15
C4 4HY C . 14.52 14.61 -7.55
C5 4HY C . 10.45 15.96 -8.26
C6 4HY C . 15.75 15.08 -7.13
C7 4HY C . 10.89 14.99 -7.34
C8 4HY C . 15.83 15.94 -5.99
C9 4HY C . 10.00 14.62 -6.27
C10 4HY C . 14.64 16.31 -5.29
C11 4HY C . 8.70 15.24 -6.15
C12 4HY C . 13.40 15.81 -5.74
C13 4HY C . 6.96 16.81 -6.92
C14 4HY C . 5.73 15.99 -7.46
I1 4HY C . 11.66 16.37 -9.95
I2 4HY C . 17.44 14.54 -8.16
I3 4HY C . 10.67 13.24 -4.82
O3 4HY C . 5.85 14.74 -7.56
O2 4HY C . 12.16 14.39 -7.40
O1 4HY C . 17.08 16.42 -5.58
O4 4HY C . 4.69 16.65 -7.73
C27 LEG D . 9.78 30.86 -11.36
C24 LEG D . 9.89 32.23 -12.05
C21 LEG D . 10.58 33.26 -11.15
C18 LEG D . 9.70 33.69 -9.97
C15 LEG D . 10.46 33.54 -8.66
C14 LEG D . 9.73 32.55 -7.73
C1 LEG D . 10.53 32.26 -6.47
C6 LEG D . 10.44 33.11 -5.36
C5 LEG D . 11.15 32.83 -4.21
C2 LEG D . 11.33 31.12 -6.39
C3 LEG D . 12.04 30.83 -5.25
C4 LEG D . 11.94 31.68 -4.12
C11 LEG D . 12.72 31.38 -2.85
O13 LEG D . 13.47 32.21 -2.36
C12 LEG D . 12.56 30.15 -2.21
C33 LEG D . 13.66 29.48 -1.70
S SO4 E . -11.33 4.53 4.13
O1 SO4 E . -10.73 4.42 2.78
O2 SO4 E . -12.67 3.92 4.10
O3 SO4 E . -10.48 3.82 5.10
O4 SO4 E . -11.44 5.95 4.50
C1 4HY F . -0.68 -18.84 4.31
C2 4HY F . 2.84 -20.75 0.98
C3 4HY F . 0.26 -19.85 4.74
C4 4HY F . 4.11 -21.20 0.67
C5 4HY F . 1.41 -20.13 3.96
C6 4HY F . 4.34 -22.21 -0.24
C7 4HY F . 1.65 -19.43 2.75
C8 4HY F . 3.22 -22.82 -0.89
C9 4HY F . 0.71 -18.44 2.34
C10 4HY F . 1.90 -22.39 -0.59
C11 4HY F . -0.46 -18.14 3.14
C12 4HY F . 1.71 -21.35 0.34
C13 4HY F . -1.90 -18.55 5.12
C14 4HY F . -1.78 -17.37 6.15
I1 4HY F . 2.83 -21.52 4.64
I2 4HY F . 6.26 -22.79 -0.64
I3 4HY F . 1.03 -17.43 0.52
O3 4HY F . -2.52 -17.44 7.17
O2 4HY F . 2.76 -19.70 1.93
O1 4HY F . 3.45 -23.85 -1.82
O4 4HY F . -0.98 -16.44 5.90
C27 LEG G . -7.52 -31.10 11.54
C24 LEG G . -6.79 -32.39 11.12
C21 LEG G . -7.07 -32.73 9.66
C18 LEG G . -8.43 -33.42 9.46
C15 LEG G . -8.72 -33.59 7.99
C14 LEG G . -9.31 -32.30 7.40
C1 LEG G . -9.32 -32.32 5.88
C6 LEG G . -10.45 -32.73 5.17
C5 LEG G . -10.45 -32.71 3.79
C2 LEG G . -8.19 -31.89 5.16
C3 LEG G . -8.19 -31.87 3.80
C4 LEG G . -9.34 -32.27 3.07
C11 LEG G . -9.36 -32.26 1.56
O13 LEG G . -9.63 -33.27 0.92
C12 LEG G . -9.05 -31.08 0.87
C33 LEG G . -8.25 -31.12 -0.26
#